data_7TI2
#
_entry.id   7TI2
#
_cell.length_a   80.100
_cell.length_b   80.100
_cell.length_c   44.760
_cell.angle_alpha   90.000
_cell.angle_beta   90.000
_cell.angle_gamma   90.000
#
_symmetry.space_group_name_H-M   'P 41'
#
loop_
_entity.id
_entity.type
_entity.pdbx_description
1 polymer 'Carbapenem-hydrolyzing beta-lactamase KPC'
2 non-polymer '{(3R,7S)-2-hydroxy-3-[2-(thiophen-2-yl)acetamido]-2,3,4,7-tetrahydro-1,2-oxaborepin-7-yl}acetic acid'
3 non-polymer 1,2-ETHANEDIOL
4 water water
#
_entity_poly.entity_id   1
_entity_poly.type   'polypeptide(L)'
_entity_poly.pdbx_seq_one_letter_code
;LTNLVAEPFAKLEQDFGGSIGVYAMDTGSGATVSYRAEERFPLCSSFKGFLAAAVLARSQQQAGLLDTPIRYGKNALVPW
SPISEKYLTTGMTVAELSAAAVQYSDNAAANLLLKELGGPAGLTAFMRSIGDTTFRLDRWELELNSAIPGDARDTSSPRA
VTESLQKLTLGSALAAPQRQQFVDWLKGNTTGNHRIRAAVPADWAVGDKTGTCGVYGTANDYAVVWPTGRAPIVLAVYTR
APNKDDKHSEAVIAAAARLALEGLGVNGQCEHHHHHH
;
_entity_poly.pdbx_strand_id   A
#
loop_
_chem_comp.id
_chem_comp.type
_chem_comp.name
_chem_comp.formula
EDO non-polymer 1,2-ETHANEDIOL 'C2 H6 O2'
ZXQ non-polymer '{(3R,7S)-2-hydroxy-3-[2-(thiophen-2-yl)acetamido]-2,3,4,7-tetrahydro-1,2-oxaborepin-7-yl}acetic acid' 'C13 H16 B N O5 S'
#
# COMPACT_ATOMS: atom_id res chain seq x y z
N ALA A 6 10.62 -14.41 17.03
CA ALA A 6 11.30 -13.81 15.89
C ALA A 6 12.01 -14.87 15.06
N GLU A 7 12.28 -16.02 15.68
CA GLU A 7 12.94 -17.14 15.01
C GLU A 7 12.22 -17.60 13.73
N PRO A 8 10.87 -17.73 13.77
CA PRO A 8 10.20 -18.09 12.51
C PRO A 8 10.39 -17.03 11.41
N PHE A 9 10.39 -15.75 11.77
CA PHE A 9 10.59 -14.71 10.75
C PHE A 9 12.02 -14.75 10.24
N ALA A 10 12.97 -15.00 11.14
CA ALA A 10 14.38 -15.08 10.75
C ALA A 10 14.60 -16.24 9.79
N LYS A 11 14.00 -17.39 10.09
CA LYS A 11 14.11 -18.55 9.21
C LYS A 11 13.50 -18.26 7.85
N LEU A 12 12.36 -17.58 7.86
CA LEU A 12 11.66 -17.24 6.62
C LEU A 12 12.51 -16.33 5.72
N GLU A 13 13.13 -15.30 6.28
CA GLU A 13 13.88 -14.37 5.43
C GLU A 13 15.20 -15.00 5.01
N GLN A 14 15.70 -15.96 5.79
CA GLN A 14 16.92 -16.65 5.40
C GLN A 14 16.64 -17.62 4.26
N ASP A 15 15.50 -18.30 4.29
CA ASP A 15 15.06 -19.11 3.16
C ASP A 15 14.84 -18.25 1.91
N PHE A 16 14.24 -17.09 2.12
CA PHE A 16 13.96 -16.14 1.04
C PHE A 16 15.26 -15.58 0.46
N GLY A 17 16.26 -15.37 1.30
CA GLY A 17 17.52 -14.80 0.84
C GLY A 17 17.56 -13.29 0.84
N GLY A 18 16.72 -12.67 1.67
CA GLY A 18 16.70 -11.23 1.80
C GLY A 18 16.26 -10.80 3.18
N SER A 19 15.55 -9.68 3.25
CA SER A 19 15.03 -9.15 4.50
C SER A 19 13.52 -9.01 4.45
N ILE A 20 12.88 -9.29 5.58
CA ILE A 20 11.44 -9.19 5.68
C ILE A 20 11.11 -8.25 6.83
N GLY A 21 10.17 -7.33 6.59
CA GLY A 21 9.70 -6.44 7.63
C GLY A 21 8.21 -6.64 7.86
N VAL A 22 7.83 -6.80 9.12
CA VAL A 22 6.45 -7.09 9.49
C VAL A 22 6.01 -6.25 10.68
N TYR A 23 4.83 -5.65 10.59
CA TYR A 23 4.17 -5.12 11.77
C TYR A 23 2.68 -5.44 11.67
N ALA A 24 2.10 -5.92 12.77
CA ALA A 24 0.68 -6.21 12.80
C ALA A 24 0.08 -5.76 14.11
N MET A 25 -1.16 -5.28 14.07
CA MET A 25 -1.86 -4.90 15.30
C MET A 25 -3.29 -5.43 15.29
N ASP A 26 -3.70 -5.98 16.43
CA ASP A 26 -5.06 -6.43 16.65
C ASP A 26 -5.79 -5.29 17.35
N THR A 27 -6.72 -4.64 16.68
CA THR A 27 -7.34 -3.45 17.25
C THR A 27 -8.34 -3.81 18.34
N GLY A 28 -8.59 -5.11 18.52
CA GLY A 28 -9.44 -5.59 19.59
C GLY A 28 -8.69 -5.85 20.88
N SER A 29 -7.64 -6.65 20.79
CA SER A 29 -6.84 -7.03 21.97
C SER A 29 -5.73 -6.05 22.28
N GLY A 30 -5.32 -5.28 21.28
CA GLY A 30 -4.20 -4.39 21.42
C GLY A 30 -2.85 -5.07 21.17
N ALA A 31 -2.89 -6.36 20.84
CA ALA A 31 -1.66 -7.11 20.61
C ALA A 31 -0.97 -6.68 19.34
N THR A 32 0.36 -6.76 19.34
CA THR A 32 1.15 -6.42 18.16
C THR A 32 2.23 -7.47 17.90
N VAL A 33 2.66 -7.51 16.64
CA VAL A 33 3.78 -8.34 16.23
C VAL A 33 4.76 -7.46 15.46
N SER A 34 6.04 -7.54 15.79
CA SER A 34 7.04 -6.70 15.13
C SER A 34 8.25 -7.51 14.71
N TYR A 35 8.66 -7.37 13.45
CA TYR A 35 9.94 -7.92 13.01
C TYR A 35 10.54 -6.99 11.98
N ARG A 36 11.66 -6.37 12.34
CA ARG A 36 12.27 -5.30 11.53
C ARG A 36 11.24 -4.22 11.23
N ALA A 37 10.34 -3.99 12.18
CA ALA A 37 9.16 -3.16 11.94
C ALA A 37 9.49 -1.69 11.74
N GLU A 38 10.67 -1.27 12.17
CA GLU A 38 11.02 0.13 12.04
C GLU A 38 12.16 0.34 11.05
N GLU A 39 12.52 -0.70 10.32
CA GLU A 39 13.45 -0.58 9.22
C GLU A 39 12.75 -0.03 7.98
N ARG A 40 13.51 0.65 7.12
CA ARG A 40 12.97 1.15 5.86
C ARG A 40 13.00 0.10 4.75
N PHE A 41 11.88 0.03 4.02
CA PHE A 41 11.72 -0.80 2.84
C PHE A 41 11.12 0.06 1.75
N PRO A 42 11.47 -0.21 0.48
CA PRO A 42 10.84 0.53 -0.61
C PRO A 42 9.32 0.36 -0.63
N LEU A 43 8.60 1.46 -0.91
CA LEU A 43 7.15 1.41 -1.01
C LEU A 43 6.65 0.68 -2.26
N CYS A 44 7.37 0.85 -3.36
CA CYS A 44 6.90 0.42 -4.67
C CYS A 44 5.46 0.94 -4.82
N SER A 45 4.57 0.16 -5.41
CA SER A 45 3.22 0.66 -5.67
C SER A 45 2.36 0.82 -4.42
N SER A 46 2.83 0.38 -3.25
CA SER A 46 1.98 0.44 -2.06
C SER A 46 1.67 1.90 -1.67
N PHE A 47 2.43 2.86 -2.18
CA PHE A 47 2.11 4.26 -1.88
C PHE A 47 0.76 4.65 -2.50
N LYS A 48 0.32 3.92 -3.52
CA LYS A 48 -0.88 4.30 -4.27
C LYS A 48 -2.15 4.24 -3.43
N GLY A 49 -2.15 3.40 -2.41
CA GLY A 49 -3.22 3.42 -1.43
C GLY A 49 -3.28 4.73 -0.66
N PHE A 50 -2.15 5.17 -0.14
CA PHE A 50 -2.10 6.42 0.61
C PHE A 50 -2.39 7.61 -0.30
N LEU A 51 -1.98 7.51 -1.55
CA LEU A 51 -2.29 8.50 -2.58
C LEU A 51 -3.80 8.67 -2.71
N ALA A 52 -4.53 7.56 -2.77
CA ALA A 52 -5.98 7.64 -2.90
C ALA A 52 -6.60 8.27 -1.66
N ALA A 53 -6.01 7.97 -0.50
CA ALA A 53 -6.48 8.55 0.75
C ALA A 53 -6.29 10.05 0.77
N ALA A 54 -5.14 10.50 0.26
CA ALA A 54 -4.84 11.93 0.20
C ALA A 54 -5.83 12.66 -0.71
N VAL A 55 -6.15 12.03 -1.83
CA VAL A 55 -7.16 12.55 -2.74
C VAL A 55 -8.50 12.67 -2.01
N LEU A 56 -8.87 11.62 -1.28
CA LEU A 56 -10.16 11.62 -0.58
C LEU A 56 -10.19 12.73 0.47
N ALA A 57 -9.06 12.90 1.17
CA ALA A 57 -8.98 13.95 2.18
C ALA A 57 -9.19 15.32 1.55
N ARG A 58 -8.57 15.54 0.40
CA ARG A 58 -8.77 16.82 -0.28
C ARG A 58 -10.22 17.00 -0.74
N SER A 59 -10.85 15.90 -1.13
CA SER A 59 -12.23 15.95 -1.63
C SER A 59 -13.20 16.42 -0.54
N GLN A 60 -12.81 16.28 0.73
CA GLN A 60 -13.63 16.78 1.83
C GLN A 60 -13.80 18.29 1.78
N GLN A 61 -12.80 18.98 1.22
CA GLN A 61 -12.83 20.44 1.19
C GLN A 61 -13.14 20.98 -0.21
N GLN A 62 -13.06 20.13 -1.23
CA GLN A 62 -13.27 20.57 -2.60
C GLN A 62 -14.39 19.79 -3.28
N ALA A 63 -15.58 20.37 -3.31
CA ALA A 63 -16.69 19.76 -3.99
C ALA A 63 -16.37 19.66 -5.48
N GLY A 64 -16.72 18.53 -6.07
CA GLY A 64 -16.45 18.34 -7.48
C GLY A 64 -15.07 17.79 -7.79
N LEU A 65 -14.22 17.64 -6.78
CA LEU A 65 -12.86 17.12 -7.03
C LEU A 65 -12.91 15.71 -7.63
N LEU A 66 -13.67 14.82 -7.01
CA LEU A 66 -13.69 13.43 -7.46
C LEU A 66 -14.19 13.28 -8.90
N ASP A 67 -15.09 14.16 -9.30
CA ASP A 67 -15.68 14.09 -10.64
C ASP A 67 -14.96 14.97 -11.66
N THR A 68 -13.88 15.61 -11.24
CA THR A 68 -13.09 16.46 -12.13
C THR A 68 -12.45 15.65 -13.24
N PRO A 69 -12.68 16.04 -14.51
CA PRO A 69 -12.02 15.34 -15.63
C PRO A 69 -10.52 15.64 -15.62
N ILE A 70 -9.70 14.62 -15.87
CA ILE A 70 -8.25 14.80 -15.85
C ILE A 70 -7.71 14.55 -17.25
N ARG A 71 -7.01 15.55 -17.77
CA ARG A 71 -6.55 15.48 -19.15
C ARG A 71 -5.23 14.72 -19.24
N TYR A 72 -5.19 13.73 -20.12
CA TYR A 72 -3.95 12.99 -20.35
C TYR A 72 -3.98 12.35 -21.72
N GLY A 73 -2.80 12.08 -22.26
CA GLY A 73 -2.71 11.40 -23.54
C GLY A 73 -1.62 10.37 -23.50
N LYS A 74 -1.20 9.94 -24.69
CA LYS A 74 -0.16 8.92 -24.83
C LYS A 74 1.10 9.27 -24.04
N ASN A 75 1.43 10.56 -24.00
CA ASN A 75 2.64 11.03 -23.32
C ASN A 75 2.66 10.73 -21.83
N ALA A 76 1.49 10.65 -21.20
CA ALA A 76 1.41 10.39 -19.76
C ALA A 76 1.42 8.91 -19.45
N LEU A 77 1.18 8.09 -20.47
CA LEU A 77 1.08 6.65 -20.25
C LEU A 77 2.44 5.98 -20.10
N VAL A 78 2.84 5.74 -18.87
CA VAL A 78 4.10 5.05 -18.59
C VAL A 78 3.81 3.55 -18.47
N PRO A 79 4.85 2.70 -18.57
CA PRO A 79 4.64 1.25 -18.46
C PRO A 79 3.81 0.81 -17.24
N TRP A 80 2.99 -0.20 -17.45
CA TRP A 80 1.96 -0.66 -16.52
C TRP A 80 0.93 0.43 -16.21
N SER A 81 0.27 0.89 -17.27
CA SER A 81 -0.90 1.76 -17.16
C SER A 81 -2.09 1.11 -17.88
N PRO A 82 -2.49 -0.09 -17.44
CA PRO A 82 -3.51 -0.84 -18.20
C PRO A 82 -4.89 -0.17 -18.21
N ILE A 83 -5.29 0.44 -17.09
CA ILE A 83 -6.63 1.04 -17.01
C ILE A 83 -6.66 2.40 -17.69
N SER A 84 -5.67 3.25 -17.42
CA SER A 84 -5.67 4.58 -18.05
C SER A 84 -5.46 4.48 -19.55
N GLU A 85 -4.79 3.43 -20.02
CA GLU A 85 -4.67 3.21 -21.46
C GLU A 85 -6.02 2.78 -22.03
N LYS A 86 -6.68 1.87 -21.31
CA LYS A 86 -7.94 1.31 -21.76
C LYS A 86 -9.03 2.37 -21.85
N TYR A 87 -9.02 3.32 -20.92
CA TYR A 87 -10.10 4.31 -20.84
C TYR A 87 -9.68 5.70 -21.31
N LEU A 88 -8.56 5.77 -22.04
CA LEU A 88 -8.10 7.02 -22.63
C LEU A 88 -9.17 7.68 -23.50
N THR A 89 -9.84 6.86 -24.30
CA THR A 89 -10.88 7.35 -25.19
C THR A 89 -12.12 7.78 -24.40
N THR A 90 -12.53 6.94 -23.46
CA THR A 90 -13.65 7.24 -22.57
C THR A 90 -13.50 8.57 -21.84
N GLY A 91 -12.28 8.79 -21.34
CA GLY A 91 -12.01 9.85 -20.39
C GLY A 91 -12.07 9.33 -18.97
N MET A 92 -11.27 9.92 -18.09
CA MET A 92 -11.28 9.53 -16.68
C MET A 92 -11.33 10.72 -15.76
N THR A 93 -11.98 10.53 -14.62
CA THR A 93 -12.06 11.53 -13.56
C THR A 93 -11.05 11.22 -12.46
N VAL A 94 -10.89 12.15 -11.53
CA VAL A 94 -10.03 11.92 -10.36
C VAL A 94 -10.39 10.62 -9.63
N ALA A 95 -11.68 10.40 -9.42
CA ALA A 95 -12.14 9.23 -8.67
C ALA A 95 -11.81 7.95 -9.42
N GLU A 96 -12.01 7.97 -10.74
CA GLU A 96 -11.76 6.79 -11.57
C GLU A 96 -10.27 6.47 -11.61
N LEU A 97 -9.44 7.52 -11.66
CA LEU A 97 -8.00 7.33 -11.62
C LEU A 97 -7.56 6.76 -10.28
N SER A 98 -8.21 7.21 -9.21
CA SER A 98 -7.89 6.71 -7.87
C SER A 98 -8.20 5.23 -7.75
N ALA A 99 -9.35 4.83 -8.26
CA ALA A 99 -9.74 3.42 -8.21
C ALA A 99 -8.75 2.59 -9.02
N ALA A 100 -8.35 3.13 -10.17
CA ALA A 100 -7.40 2.44 -11.05
C ALA A 100 -6.03 2.28 -10.38
N ALA A 101 -5.54 3.34 -9.74
CA ALA A 101 -4.27 3.27 -9.03
C ALA A 101 -4.31 2.25 -7.89
N VAL A 102 -5.40 2.22 -7.13
CA VAL A 102 -5.49 1.32 -5.99
C VAL A 102 -5.68 -0.12 -6.43
N GLN A 103 -6.60 -0.34 -7.36
CA GLN A 103 -7.08 -1.71 -7.59
C GLN A 103 -6.35 -2.46 -8.70
N TYR A 104 -5.68 -1.72 -9.58
CA TYR A 104 -4.92 -2.30 -10.69
C TYR A 104 -3.47 -1.84 -10.69
N SER A 105 -3.14 -0.95 -9.76
CA SER A 105 -1.78 -0.41 -9.60
C SER A 105 -1.35 0.42 -10.81
N ASP A 106 -2.32 1.12 -11.41
CA ASP A 106 -2.09 1.86 -12.64
C ASP A 106 -1.07 2.99 -12.43
N ASN A 107 0.01 2.99 -13.22
CA ASN A 107 1.10 3.95 -13.00
C ASN A 107 0.76 5.37 -13.50
N ALA A 108 0.19 5.48 -14.70
CA ALA A 108 -0.19 6.79 -15.22
C ALA A 108 -1.20 7.44 -14.25
N ALA A 109 -2.16 6.66 -13.77
CA ALA A 109 -3.15 7.18 -12.84
C ALA A 109 -2.45 7.74 -11.60
N ALA A 110 -1.47 7.00 -11.07
CA ALA A 110 -0.70 7.46 -9.90
C ALA A 110 0.01 8.78 -10.16
N ASN A 111 0.72 8.87 -11.28
CA ASN A 111 1.41 10.10 -11.64
C ASN A 111 0.44 11.26 -11.83
N LEU A 112 -0.71 11.01 -12.47
CA LEU A 112 -1.67 12.09 -12.70
C LEU A 112 -2.25 12.61 -11.39
N LEU A 113 -2.50 11.72 -10.45
CA LEU A 113 -3.02 12.10 -9.13
C LEU A 113 -1.94 12.78 -8.29
N LEU A 114 -0.71 12.31 -8.37
CA LEU A 114 0.40 12.99 -7.72
C LEU A 114 0.49 14.44 -8.19
N LYS A 115 0.33 14.64 -9.49
CA LYS A 115 0.40 16.00 -10.05
C LYS A 115 -0.69 16.88 -9.46
N GLU A 116 -1.88 16.33 -9.27
CA GLU A 116 -3.00 17.10 -8.72
CA GLU A 116 -3.03 17.05 -8.70
C GLU A 116 -2.76 17.48 -7.27
N LEU A 117 -1.98 16.66 -6.55
CA LEU A 117 -1.70 16.88 -5.13
C LEU A 117 -0.39 17.63 -4.85
N GLY A 118 0.33 18.01 -5.90
CA GLY A 118 1.59 18.70 -5.72
C GLY A 118 2.81 17.80 -5.69
N GLY A 119 2.69 16.62 -6.31
CA GLY A 119 3.80 15.71 -6.49
C GLY A 119 4.10 14.84 -5.29
N PRO A 120 5.19 14.06 -5.37
CA PRO A 120 5.64 13.22 -4.26
C PRO A 120 5.72 13.99 -2.95
N ALA A 121 6.21 15.23 -3.02
CA ALA A 121 6.28 16.10 -1.83
C ALA A 121 4.89 16.35 -1.24
N GLY A 122 3.92 16.53 -2.12
CA GLY A 122 2.54 16.76 -1.71
C GLY A 122 1.98 15.57 -0.96
N LEU A 123 2.22 14.37 -1.47
CA LEU A 123 1.74 13.17 -0.80
C LEU A 123 2.45 12.99 0.55
N THR A 124 3.75 13.24 0.57
CA THR A 124 4.53 13.12 1.80
C THR A 124 3.98 14.07 2.86
N ALA A 125 3.64 15.29 2.46
CA ALA A 125 3.11 16.26 3.42
C ALA A 125 1.76 15.81 3.96
N PHE A 126 0.95 15.13 3.15
CA PHE A 126 -0.31 14.60 3.64
C PHE A 126 -0.04 13.59 4.74
N MET A 127 0.93 12.71 4.52
CA MET A 127 1.24 11.68 5.50
C MET A 127 1.76 12.32 6.80
N ARG A 128 2.57 13.38 6.67
CA ARG A 128 3.01 14.15 7.83
C ARG A 128 1.81 14.67 8.61
N SER A 129 0.78 15.13 7.89
CA SER A 129 -0.37 15.77 8.54
C SER A 129 -1.20 14.80 9.36
N ILE A 130 -1.07 13.50 9.11
CA ILE A 130 -1.78 12.51 9.92
C ILE A 130 -0.85 11.90 10.97
N GLY A 131 0.36 12.45 11.09
CA GLY A 131 1.29 12.03 12.13
C GLY A 131 2.30 10.97 11.72
N ASP A 132 2.44 10.74 10.42
CA ASP A 132 3.42 9.81 9.89
C ASP A 132 4.72 10.55 9.58
N THR A 133 5.73 10.34 10.41
CA THR A 133 7.03 11.00 10.25
C THR A 133 8.04 10.13 9.51
N THR A 134 7.61 8.95 9.09
CA THR A 134 8.52 7.99 8.48
C THR A 134 8.39 7.96 6.95
N PHE A 135 7.16 7.87 6.47
CA PHE A 135 6.85 7.86 5.03
C PHE A 135 7.59 8.94 4.24
N ARG A 136 8.19 8.55 3.12
CA ARG A 136 8.68 9.55 2.18
C ARG A 136 8.54 9.06 0.75
N LEU A 137 7.86 9.87 -0.07
CA LEU A 137 7.85 9.66 -1.51
C LEU A 137 8.66 10.78 -2.13
N ASP A 138 9.61 10.41 -2.97
CA ASP A 138 10.60 11.33 -3.50
C ASP A 138 10.55 11.47 -4.99
N ARG A 139 10.07 10.43 -5.66
CA ARG A 139 10.10 10.39 -7.11
C ARG A 139 8.76 9.94 -7.66
N TRP A 140 8.64 10.02 -8.99
CA TRP A 140 7.45 9.59 -9.69
C TRP A 140 7.60 8.18 -10.24
N GLU A 141 6.53 7.68 -10.85
CA GLU A 141 6.60 6.43 -11.61
C GLU A 141 7.32 6.73 -12.92
N LEU A 142 8.29 5.90 -13.31
CA LEU A 142 8.63 4.63 -12.65
C LEU A 142 9.94 4.68 -11.85
N GLU A 143 10.57 5.85 -11.76
CA GLU A 143 11.88 5.94 -11.11
C GLU A 143 11.82 5.53 -9.63
N LEU A 144 10.64 5.65 -9.01
CA LEU A 144 10.54 5.38 -7.57
C LEU A 144 10.70 3.88 -7.23
N ASN A 145 10.76 3.05 -8.26
CA ASN A 145 10.86 1.61 -8.08
C ASN A 145 12.30 1.08 -8.05
N SER A 146 13.29 1.97 -8.00
CA SER A 146 14.68 1.53 -8.17
C SER A 146 15.15 0.63 -7.04
N ALA A 147 14.58 0.83 -5.85
CA ALA A 147 14.78 -0.04 -4.68
C ALA A 147 16.25 -0.36 -4.38
N ILE A 148 17.12 0.64 -4.53
CA ILE A 148 18.55 0.44 -4.29
C ILE A 148 18.82 0.22 -2.82
N PRO A 149 19.53 -0.86 -2.48
CA PRO A 149 19.86 -1.14 -1.08
C PRO A 149 20.53 0.06 -0.42
N GLY A 150 20.01 0.50 0.72
CA GLY A 150 20.58 1.61 1.44
C GLY A 150 20.00 2.98 1.08
N ASP A 151 19.18 3.02 0.05
CA ASP A 151 18.56 4.25 -0.42
C ASP A 151 17.25 4.49 0.33
N ALA A 152 17.14 5.64 0.99
CA ALA A 152 15.96 5.93 1.80
C ALA A 152 14.82 6.55 0.97
N ARG A 153 15.12 6.94 -0.27
CA ARG A 153 14.10 7.51 -1.14
C ARG A 153 12.94 6.55 -1.35
N ASP A 154 11.71 7.07 -1.27
CA ASP A 154 10.52 6.28 -1.61
C ASP A 154 10.40 5.03 -0.76
N THR A 155 10.61 5.21 0.56
CA THR A 155 10.53 4.13 1.55
C THR A 155 9.63 4.50 2.71
N SER A 156 9.23 3.49 3.48
CA SER A 156 8.68 3.71 4.80
C SER A 156 9.00 2.48 5.62
N SER A 157 8.46 2.40 6.83
CA SER A 157 8.65 1.23 7.68
C SER A 157 7.33 0.48 7.78
N PRO A 158 7.39 -0.83 8.04
CA PRO A 158 6.15 -1.59 8.24
C PRO A 158 5.27 -1.02 9.35
N ARG A 159 5.88 -0.54 10.43
CA ARG A 159 5.11 0.00 11.53
C ARG A 159 4.40 1.30 11.14
N ALA A 160 5.11 2.21 10.48
CA ALA A 160 4.50 3.47 10.04
C ALA A 160 3.37 3.20 9.05
N VAL A 161 3.63 2.31 8.09
CA VAL A 161 2.62 1.92 7.13
C VAL A 161 1.36 1.42 7.83
N THR A 162 1.53 0.53 8.81
CA THR A 162 0.39 -0.03 9.52
C THR A 162 -0.35 1.04 10.33
N GLU A 163 0.39 1.89 11.00
CA GLU A 163 -0.22 2.93 11.83
C GLU A 163 -1.02 3.92 10.97
N SER A 164 -0.43 4.33 9.86
CA SER A 164 -1.12 5.25 8.94
C SER A 164 -2.34 4.59 8.31
N LEU A 165 -2.22 3.31 7.94
CA LEU A 165 -3.36 2.59 7.40
C LEU A 165 -4.49 2.53 8.41
N GLN A 166 -4.17 2.23 9.67
CA GLN A 166 -5.19 2.20 10.71
C GLN A 166 -5.88 3.56 10.86
N LYS A 167 -5.09 4.63 10.88
CA LYS A 167 -5.64 5.97 11.02
C LYS A 167 -6.65 6.30 9.91
N LEU A 168 -6.34 5.86 8.70
CA LEU A 168 -7.13 6.23 7.53
C LEU A 168 -8.35 5.34 7.33
N THR A 169 -8.25 4.06 7.68
CA THR A 169 -9.35 3.12 7.45
C THR A 169 -10.27 2.93 8.65
N LEU A 170 -9.74 3.13 9.86
CA LEU A 170 -10.46 2.80 11.09
C LEU A 170 -10.47 3.97 12.07
N GLY A 171 -9.50 4.85 11.93
CA GLY A 171 -9.40 6.01 12.80
C GLY A 171 -10.13 7.22 12.25
N SER A 172 -9.69 8.40 12.65
CA SER A 172 -10.40 9.62 12.32
C SER A 172 -9.66 10.51 11.33
N ALA A 173 -8.67 9.97 10.62
CA ALA A 173 -7.89 10.81 9.69
C ALA A 173 -8.72 11.23 8.49
N LEU A 174 -9.73 10.43 8.15
CA LEU A 174 -10.68 10.78 7.09
C LEU A 174 -12.08 10.93 7.67
N ALA A 175 -12.87 11.82 7.08
CA ALA A 175 -14.29 11.89 7.40
C ALA A 175 -14.95 10.56 7.03
N ALA A 176 -16.06 10.24 7.70
CA ALA A 176 -16.69 8.93 7.56
C ALA A 176 -16.98 8.49 6.11
N PRO A 177 -17.56 9.37 5.28
CA PRO A 177 -17.84 8.89 3.90
C PRO A 177 -16.58 8.57 3.12
N GLN A 178 -15.57 9.42 3.26
CA GLN A 178 -14.29 9.21 2.60
C GLN A 178 -13.58 7.98 3.14
N ARG A 179 -13.68 7.77 4.44
CA ARG A 179 -13.11 6.59 5.09
C ARG A 179 -13.69 5.33 4.46
N GLN A 180 -15.02 5.30 4.31
CA GLN A 180 -15.67 4.12 3.77
C GLN A 180 -15.28 3.91 2.30
N GLN A 181 -15.13 5.01 1.55
CA GLN A 181 -14.72 4.89 0.14
C GLN A 181 -13.32 4.30 0.05
N PHE A 182 -12.44 4.75 0.93
CA PHE A 182 -11.07 4.25 0.97
C PHE A 182 -11.09 2.75 1.26
N VAL A 183 -11.88 2.36 2.26
CA VAL A 183 -12.02 0.95 2.61
C VAL A 183 -12.54 0.14 1.43
N ASP A 184 -13.57 0.65 0.76
CA ASP A 184 -14.17 -0.06 -0.36
C ASP A 184 -13.18 -0.24 -1.52
N TRP A 185 -12.36 0.78 -1.78
CA TRP A 185 -11.35 0.67 -2.82
C TRP A 185 -10.31 -0.41 -2.48
N LEU A 186 -9.88 -0.44 -1.22
CA LEU A 186 -8.91 -1.44 -0.78
C LEU A 186 -9.52 -2.84 -0.87
N LYS A 187 -10.79 -2.97 -0.51
CA LYS A 187 -11.45 -4.26 -0.53
C LYS A 187 -11.54 -4.81 -1.95
N GLY A 188 -11.63 -3.90 -2.92
CA GLY A 188 -11.76 -4.27 -4.32
C GLY A 188 -10.45 -4.45 -5.07
N ASN A 189 -9.33 -4.39 -4.35
CA ASN A 189 -8.03 -4.59 -4.99
C ASN A 189 -7.98 -5.95 -5.69
N THR A 190 -7.38 -5.96 -6.88
CA THR A 190 -7.31 -7.18 -7.69
C THR A 190 -5.94 -7.85 -7.70
N THR A 191 -4.94 -7.20 -7.12
CA THR A 191 -3.54 -7.64 -7.29
C THR A 191 -2.94 -8.39 -6.08
N GLY A 192 -3.74 -8.60 -5.04
CA GLY A 192 -3.19 -9.13 -3.81
C GLY A 192 -3.65 -10.51 -3.40
N ASN A 193 -4.20 -11.27 -4.33
CA ASN A 193 -4.82 -12.55 -3.96
C ASN A 193 -3.82 -13.60 -3.47
N HIS A 194 -2.53 -13.39 -3.75
CA HIS A 194 -1.54 -14.39 -3.39
C HIS A 194 -0.61 -13.88 -2.30
N ARG A 195 -0.99 -12.78 -1.67
CA ARG A 195 -0.16 -12.20 -0.61
C ARG A 195 -0.91 -12.27 0.71
N ILE A 196 -1.21 -11.15 1.36
CA ILE A 196 -1.87 -11.23 2.67
C ILE A 196 -3.18 -12.01 2.61
N ARG A 197 -3.95 -11.80 1.53
CA ARG A 197 -5.22 -12.51 1.39
C ARG A 197 -5.05 -14.02 1.40
N ALA A 198 -3.91 -14.51 0.91
CA ALA A 198 -3.66 -15.96 0.86
C ALA A 198 -3.50 -16.56 2.27
N ALA A 199 -3.27 -15.71 3.26
CA ALA A 199 -3.07 -16.16 4.63
C ALA A 199 -4.37 -16.10 5.44
N VAL A 200 -5.41 -15.52 4.85
CA VAL A 200 -6.64 -15.21 5.57
C VAL A 200 -7.76 -16.18 5.17
N PRO A 201 -8.56 -16.65 6.15
CA PRO A 201 -9.75 -17.45 5.85
C PRO A 201 -10.65 -16.77 4.82
N ALA A 202 -11.23 -17.57 3.92
CA ALA A 202 -11.93 -17.05 2.75
C ALA A 202 -13.15 -16.19 3.05
N ASP A 203 -13.75 -16.34 4.23
CA ASP A 203 -14.94 -15.55 4.55
C ASP A 203 -14.61 -14.32 5.41
N TRP A 204 -13.34 -14.06 5.67
CA TRP A 204 -12.95 -12.82 6.32
C TRP A 204 -12.80 -11.71 5.28
N ALA A 205 -13.34 -10.53 5.57
CA ALA A 205 -13.20 -9.39 4.69
C ALA A 205 -11.77 -8.86 4.76
N VAL A 206 -11.21 -8.53 3.59
CA VAL A 206 -9.85 -8.01 3.49
C VAL A 206 -9.80 -6.82 2.53
N GLY A 207 -9.11 -5.76 2.93
CA GLY A 207 -8.73 -4.69 2.00
C GLY A 207 -7.21 -4.57 2.00
N ASP A 208 -6.60 -4.42 0.84
CA ASP A 208 -5.15 -4.36 0.77
C ASP A 208 -4.64 -3.54 -0.40
N LYS A 209 -3.36 -3.16 -0.33
CA LYS A 209 -2.64 -2.65 -1.48
C LYS A 209 -1.25 -3.26 -1.51
N THR A 210 -0.89 -3.76 -2.68
CA THR A 210 0.38 -4.42 -2.94
C THR A 210 1.41 -3.48 -3.54
N GLY A 211 2.66 -3.91 -3.53
CA GLY A 211 3.71 -3.23 -4.26
C GLY A 211 4.70 -4.23 -4.82
N THR A 212 5.18 -3.99 -6.03
CA THR A 212 6.18 -4.85 -6.65
C THR A 212 7.14 -3.98 -7.45
N CYS A 213 8.36 -3.82 -6.97
CA CYS A 213 9.31 -2.94 -7.64
C CYS A 213 9.89 -3.56 -8.92
N GLY A 214 9.98 -4.88 -8.95
CA GLY A 214 10.52 -5.57 -10.12
C GLY A 214 12.03 -5.75 -10.10
N VAL A 215 12.64 -5.33 -9.01
CA VAL A 215 14.09 -5.45 -8.82
C VAL A 215 14.38 -5.72 -7.34
N TYR A 216 15.57 -6.22 -7.07
CA TYR A 216 16.07 -6.39 -5.71
C TYR A 216 15.11 -7.15 -4.80
N GLY A 217 14.43 -8.14 -5.34
CA GLY A 217 13.51 -8.98 -4.58
C GLY A 217 12.52 -8.18 -3.74
N THR A 218 12.14 -7.00 -4.24
CA THR A 218 11.42 -6.03 -3.42
C THR A 218 9.92 -6.01 -3.74
N ALA A 219 9.11 -6.39 -2.76
CA ALA A 219 7.67 -6.46 -2.92
C ALA A 219 7.02 -6.40 -1.55
N ASN A 220 5.72 -6.11 -1.51
CA ASN A 220 5.08 -5.86 -0.24
C ASN A 220 3.56 -5.92 -0.33
N ASP A 221 2.91 -5.78 0.81
CA ASP A 221 1.46 -5.77 0.89
C ASP A 221 1.10 -5.22 2.25
N TYR A 222 0.07 -4.37 2.31
CA TYR A 222 -0.51 -4.02 3.61
C TYR A 222 -2.02 -4.23 3.54
N ALA A 223 -2.64 -4.48 4.68
CA ALA A 223 -4.05 -4.82 4.70
C ALA A 223 -4.75 -4.50 5.98
N VAL A 224 -6.07 -4.31 5.88
CA VAL A 224 -6.97 -4.39 7.02
C VAL A 224 -7.76 -5.68 6.86
N VAL A 225 -7.81 -6.48 7.91
CA VAL A 225 -8.52 -7.76 7.90
C VAL A 225 -9.60 -7.75 8.97
N TRP A 226 -10.82 -8.15 8.60
CA TRP A 226 -11.94 -8.26 9.53
C TRP A 226 -12.33 -9.71 9.78
N PRO A 227 -11.83 -10.31 10.87
CA PRO A 227 -12.32 -11.63 11.24
C PRO A 227 -13.83 -11.57 11.51
N THR A 228 -14.57 -12.61 11.16
CA THR A 228 -16.02 -12.60 11.29
C THR A 228 -16.44 -12.27 12.73
N GLY A 229 -17.20 -11.19 12.87
CA GLY A 229 -17.72 -10.77 14.16
C GLY A 229 -16.71 -10.24 15.17
N ARG A 230 -15.45 -10.09 14.74
CA ARG A 230 -14.40 -9.63 15.65
C ARG A 230 -13.75 -8.34 15.15
N ALA A 231 -13.02 -7.67 16.03
CA ALA A 231 -12.35 -6.41 15.69
C ALA A 231 -11.29 -6.62 14.63
N PRO A 232 -11.10 -5.63 13.75
CA PRO A 232 -10.14 -5.80 12.65
C PRO A 232 -8.66 -5.83 13.06
N ILE A 233 -7.88 -6.46 12.18
CA ILE A 233 -6.43 -6.52 12.28
C ILE A 233 -5.84 -5.64 11.19
N VAL A 234 -4.77 -4.90 11.51
CA VAL A 234 -4.08 -4.10 10.51
C VAL A 234 -2.64 -4.61 10.47
N LEU A 235 -2.10 -4.79 9.26
CA LEU A 235 -0.74 -5.33 9.16
C LEU A 235 -0.05 -4.94 7.85
N ALA A 236 1.28 -4.99 7.89
CA ALA A 236 2.12 -4.66 6.73
C ALA A 236 3.25 -5.67 6.62
N VAL A 237 3.49 -6.13 5.40
CA VAL A 237 4.59 -7.05 5.13
C VAL A 237 5.43 -6.51 3.98
N TYR A 238 6.71 -6.25 4.24
CA TYR A 238 7.63 -5.70 3.22
C TYR A 238 8.85 -6.58 3.06
N THR A 239 9.32 -6.74 1.82
CA THR A 239 10.51 -7.54 1.57
C THR A 239 11.51 -6.81 0.68
N ARG A 240 12.77 -7.19 0.80
CA ARG A 240 13.83 -6.69 -0.08
C ARG A 240 14.96 -7.71 -0.10
N ALA A 241 15.86 -7.57 -1.05
CA ALA A 241 16.94 -8.53 -1.22
C ALA A 241 18.17 -7.80 -1.75
N PRO A 242 19.37 -8.36 -1.52
CA PRO A 242 20.61 -7.62 -1.79
C PRO A 242 20.98 -7.40 -3.27
N ASN A 243 20.56 -8.27 -4.17
CA ASN A 243 21.01 -8.18 -5.55
C ASN A 243 19.87 -7.81 -6.49
N LYS A 244 20.19 -7.06 -7.54
CA LYS A 244 19.17 -6.48 -8.40
C LYS A 244 18.27 -7.52 -9.06
N ASP A 245 18.85 -8.67 -9.42
CA ASP A 245 18.10 -9.70 -10.12
C ASP A 245 17.48 -10.74 -9.20
N ASP A 246 17.59 -10.53 -7.88
CA ASP A 246 16.87 -11.38 -6.93
C ASP A 246 15.37 -11.28 -7.17
N LYS A 247 14.69 -12.42 -7.18
CA LYS A 247 13.25 -12.43 -7.39
C LYS A 247 12.50 -12.19 -6.09
N HIS A 248 11.42 -11.43 -6.18
CA HIS A 248 10.51 -11.30 -5.04
C HIS A 248 9.70 -12.59 -4.91
N SER A 249 9.05 -12.76 -3.76
CA SER A 249 8.26 -13.97 -3.54
C SER A 249 6.92 -13.64 -2.92
N GLU A 250 5.84 -13.98 -3.61
CA GLU A 250 4.52 -13.78 -3.02
C GLU A 250 4.28 -14.77 -1.88
N ALA A 251 4.78 -15.99 -2.04
CA ALA A 251 4.61 -17.04 -1.02
C ALA A 251 5.23 -16.59 0.30
N VAL A 252 6.35 -15.89 0.23
CA VAL A 252 7.05 -15.40 1.41
C VAL A 252 6.19 -14.33 2.13
N ILE A 253 5.54 -13.46 1.36
CA ILE A 253 4.69 -12.43 1.95
C ILE A 253 3.49 -13.09 2.63
N ALA A 254 2.86 -14.05 1.95
CA ALA A 254 1.76 -14.80 2.54
C ALA A 254 2.18 -15.54 3.81
N ALA A 255 3.36 -16.16 3.77
CA ALA A 255 3.87 -16.88 4.93
C ALA A 255 4.14 -15.94 6.10
N ALA A 256 4.67 -14.75 5.79
CA ALA A 256 4.97 -13.77 6.84
C ALA A 256 3.67 -13.26 7.47
N ALA A 257 2.64 -13.09 6.64
CA ALA A 257 1.33 -12.67 7.14
C ALA A 257 0.74 -13.74 8.05
N ARG A 258 0.86 -15.01 7.66
CA ARG A 258 0.42 -16.12 8.52
CA ARG A 258 0.40 -16.09 8.52
C ARG A 258 1.13 -16.07 9.87
N LEU A 259 2.44 -15.91 9.84
CA LEU A 259 3.23 -15.81 11.07
C LEU A 259 2.77 -14.65 11.95
N ALA A 260 2.42 -13.54 11.32
CA ALA A 260 1.93 -12.37 12.05
C ALA A 260 0.61 -12.69 12.74
N LEU A 261 -0.32 -13.28 11.99
CA LEU A 261 -1.62 -13.64 12.54
C LEU A 261 -1.46 -14.62 13.69
N GLU A 262 -0.58 -15.62 13.50
CA GLU A 262 -0.30 -16.59 14.55
C GLU A 262 0.29 -15.92 15.79
N GLY A 263 1.15 -14.93 15.58
CA GLY A 263 1.77 -14.22 16.68
C GLY A 263 0.80 -13.38 17.50
N LEU A 264 -0.30 -12.96 16.85
CA LEU A 264 -1.34 -12.23 17.54
C LEU A 264 -2.29 -13.18 18.25
N GLY A 265 -2.13 -14.47 18.00
CA GLY A 265 -3.04 -15.47 18.57
C GLY A 265 -4.37 -15.49 17.85
N VAL A 266 -4.38 -15.01 16.61
CA VAL A 266 -5.60 -14.93 15.82
C VAL A 266 -5.72 -16.16 14.93
N ASN A 267 -6.81 -16.91 15.10
CA ASN A 267 -7.07 -18.08 14.28
C ASN A 267 -8.42 -17.96 13.58
O8 ZXQ B . 6.02 0.09 -12.04
C7 ZXQ B . 6.27 -0.90 -11.42
C6 ZXQ B . 7.50 -1.75 -11.73
C3 ZXQ B . 7.01 -3.02 -12.41
C3 ZXQ B . 7.06 -3.13 -12.22
C4 ZXQ B . 7.05 -4.33 -11.90
C4 ZXQ B . 6.47 -3.45 -13.44
C5 ZXQ B . 6.50 -5.30 -12.79
C5 ZXQ B . 6.17 -4.84 -13.59
C1 ZXQ B . 5.99 -4.76 -14.00
C1 ZXQ B . 6.50 -5.64 -12.49
S2 ZXQ B . 6.26 -3.10 -13.93
S2 ZXQ B . 7.18 -4.58 -11.35
N9 ZXQ B . 5.40 -1.38 -10.39
C10 ZXQ B . 4.17 -0.71 -9.99
C11 ZXQ B . 3.15 -0.99 -11.09
C12 ZXQ B . 3.23 -2.42 -11.61
C13 ZXQ B . 3.24 -3.61 -10.67
B15 ZXQ B . 3.82 -1.38 -8.61
O27 ZXQ B . 4.67 -1.80 -7.63
O16 ZXQ B . 2.73 -2.18 -8.66
C14 ZXQ B . 2.96 -3.49 -9.16
C17 ZXQ B . 1.72 -4.37 -8.92
C18 ZXQ B . 1.41 -4.54 -7.44
O19 ZXQ B . 0.49 -3.86 -6.93
O20 ZXQ B . 2.08 -5.34 -6.74
C1 EDO C . -7.96 19.31 -15.86
O1 EDO C . -8.49 18.80 -14.63
C2 EDO C . -6.46 19.07 -15.92
O2 EDO C . -6.21 17.66 -15.99
C1 EDO D . -17.60 16.56 -15.01
O1 EDO D . -18.91 16.17 -14.60
C2 EDO D . -16.89 15.41 -15.74
O2 EDO D . -16.89 14.23 -14.91
#